data_6ZC0
#
_entry.id   6ZC0
#
_cell.length_a   40.067
_cell.length_b   87.712
_cell.length_c   88.043
_cell.angle_alpha   90.000
_cell.angle_beta   90.000
_cell.angle_gamma   90.000
#
_symmetry.space_group_name_H-M   'P 21 21 21'
#
loop_
_entity.id
_entity.type
_entity.pdbx_description
1 polymer 'Tyrosine-protein kinase SYK'
2 non-polymer ~{N},~{N}-dimethyl-1-[1-[2-(1-methylindol-4-yl)-3~{H}-imidazo[4,5-b]pyridin-7-yl]pyrazol-4-yl]methanamine
3 water water
#
_entity_poly.entity_id   1
_entity_poly.type   'polypeptide(L)'
_entity_poly.pdbx_seq_one_letter_code
;MDTEVYESPYADPEEIRPKEVYLDRKLLTLEDKELGSGNFGTVKKGYYQMKKVVKTVAVKILKNEANDPALKDELLAEAN
VMQQLDNPYIVRMIGICEAESWMLVMEMAELGPLNKYLQQNRHVKDKNIIELVHQVSMGMKYLEESNFVHRDLAARNVLL
VTQHYAKISDFGLSKALRADENYYKAQTHGKWPVKWYAPECINYYKFSSKSDVWSFGVLMWEAFSYGQKPYRGMKGSEVT
AMLEKGERMGCPAGCPREMYDLMNLCWTYDVENRPGFAAVELRLRNYYYDVVNHHHHHH
;
_entity_poly.pdbx_strand_id   A
#
loop_
_chem_comp.id
_chem_comp.type
_chem_comp.name
_chem_comp.formula
QDZ non-polymer ~{N},~{N}-dimethyl-1-[1-[2-(1-methylindol-4-yl)-3~{H}-imidazo[4,5-b]pyridin-7-yl]pyrazol-4-yl]methanamine 'C21 H21 N7'
#
# COMPACT_ATOMS: atom_id res chain seq x y z
N VAL A 21 4.33 -23.67 0.92
CA VAL A 21 5.27 -22.59 0.59
C VAL A 21 5.88 -22.80 -0.81
N TYR A 22 6.52 -23.96 -1.09
CA TYR A 22 7.10 -24.23 -2.39
C TYR A 22 6.11 -24.88 -3.35
N LEU A 23 5.93 -24.26 -4.53
CA LEU A 23 4.96 -24.74 -5.50
C LEU A 23 5.62 -25.47 -6.66
N ASP A 24 4.86 -26.35 -7.30
CA ASP A 24 5.26 -27.16 -8.44
C ASP A 24 5.08 -26.35 -9.72
N ARG A 25 6.20 -26.12 -10.45
CA ARG A 25 6.20 -25.40 -11.73
C ARG A 25 5.28 -26.05 -12.81
N LYS A 26 5.11 -27.37 -12.76
CA LYS A 26 4.22 -28.11 -13.67
C LYS A 26 2.75 -27.71 -13.49
N LEU A 27 2.34 -27.34 -12.25
CA LEU A 27 0.98 -26.92 -11.86
C LEU A 27 0.70 -25.41 -12.09
N LEU A 28 1.71 -24.65 -12.50
CA LEU A 28 1.53 -23.24 -12.78
C LEU A 28 1.51 -22.98 -14.28
N THR A 29 0.49 -22.26 -14.75
CA THR A 29 0.40 -21.85 -16.14
C THR A 29 0.55 -20.32 -16.17
N LEU A 30 1.56 -19.82 -16.86
CA LEU A 30 1.78 -18.37 -16.98
C LEU A 30 1.27 -17.81 -18.32
N GLU A 31 0.55 -16.70 -18.26
CA GLU A 31 0.08 -16.06 -19.48
C GLU A 31 1.22 -15.18 -19.98
N ASP A 32 1.42 -15.12 -21.31
CA ASP A 32 2.48 -14.32 -21.93
C ASP A 32 2.30 -12.80 -21.72
N LYS A 33 1.05 -12.31 -21.61
CA LYS A 33 0.73 -10.89 -21.41
C LYS A 33 1.05 -10.43 -19.98
N GLU A 34 1.93 -9.40 -19.88
CA GLU A 34 2.39 -8.85 -18.61
C GLU A 34 1.49 -7.75 -18.05
N LEU A 35 1.03 -7.95 -16.80
CA LEU A 35 0.20 -7.01 -16.03
C LEU A 35 1.01 -5.73 -15.76
N GLY A 36 2.20 -5.88 -15.18
CA GLY A 36 3.08 -4.77 -14.88
C GLY A 36 4.56 -4.95 -15.24
N SER A 37 5.32 -3.82 -15.19
CA SER A 37 6.76 -3.71 -15.47
C SER A 37 7.35 -2.54 -14.68
N PHE A 40 11.73 -2.55 -10.88
CA PHE A 40 10.53 -2.99 -10.17
C PHE A 40 10.29 -4.51 -10.31
N GLY A 41 10.33 -4.99 -11.55
CA GLY A 41 10.12 -6.39 -11.90
C GLY A 41 8.92 -6.60 -12.81
N THR A 42 8.60 -7.86 -13.11
CA THR A 42 7.47 -8.20 -13.97
C THR A 42 6.38 -8.96 -13.19
N VAL A 43 5.12 -8.64 -13.50
CA VAL A 43 3.91 -9.23 -12.91
C VAL A 43 3.09 -9.88 -14.05
N LYS A 44 2.85 -11.19 -13.95
CA LYS A 44 2.09 -11.95 -14.96
C LYS A 44 0.84 -12.58 -14.36
N LYS A 45 -0.22 -12.68 -15.15
CA LYS A 45 -1.40 -13.37 -14.67
C LYS A 45 -1.08 -14.85 -14.92
N GLY A 46 -1.58 -15.71 -14.05
CA GLY A 46 -1.39 -17.14 -14.18
C GLY A 46 -2.58 -17.91 -13.62
N TYR A 47 -2.45 -19.20 -13.59
CA TYR A 47 -3.46 -20.13 -13.04
C TYR A 47 -2.65 -21.21 -12.35
N TYR A 48 -3.04 -21.54 -11.13
CA TYR A 48 -2.36 -22.57 -10.38
C TYR A 48 -3.33 -23.71 -10.05
N GLN A 49 -2.99 -24.95 -10.44
CA GLN A 49 -3.83 -26.13 -10.13
C GLN A 49 -3.69 -26.51 -8.64
N MET A 50 -4.74 -26.24 -7.85
CA MET A 50 -4.87 -26.55 -6.42
C MET A 50 -5.33 -28.02 -6.36
N LYS A 51 -5.72 -28.56 -5.18
CA LYS A 51 -6.11 -30.00 -5.10
C LYS A 51 -7.33 -30.36 -5.95
N LYS A 52 -8.34 -29.46 -6.07
CA LYS A 52 -9.53 -29.76 -6.84
C LYS A 52 -9.82 -28.70 -7.90
N VAL A 53 -9.81 -27.44 -7.48
CA VAL A 53 -10.09 -26.32 -8.37
C VAL A 53 -8.82 -25.62 -8.82
N VAL A 54 -8.90 -24.86 -9.90
CA VAL A 54 -7.78 -24.06 -10.36
C VAL A 54 -8.01 -22.68 -9.81
N LYS A 55 -6.94 -22.04 -9.36
CA LYS A 55 -6.99 -20.72 -8.78
C LYS A 55 -6.28 -19.70 -9.65
N THR A 56 -6.93 -18.53 -9.86
CA THR A 56 -6.34 -17.43 -10.62
C THR A 56 -5.30 -16.75 -9.74
N VAL A 57 -4.11 -16.50 -10.31
CA VAL A 57 -2.99 -15.92 -9.57
C VAL A 57 -2.27 -14.78 -10.32
N ALA A 58 -1.53 -13.99 -9.55
CA ALA A 58 -0.69 -12.91 -10.03
C ALA A 58 0.68 -13.36 -9.60
N VAL A 59 1.63 -13.38 -10.54
CA VAL A 59 2.96 -13.92 -10.25
C VAL A 59 4.06 -12.88 -10.42
N LYS A 60 4.84 -12.64 -9.33
CA LYS A 60 5.98 -11.72 -9.32
C LYS A 60 7.21 -12.51 -9.76
N ILE A 61 7.78 -12.14 -10.91
CA ILE A 61 8.92 -12.83 -11.51
C ILE A 61 10.19 -12.01 -11.39
N LEU A 62 11.29 -12.64 -10.91
CA LEU A 62 12.58 -11.99 -10.69
C LEU A 62 13.47 -11.91 -11.94
N LYS A 63 13.78 -13.08 -12.56
CA LYS A 63 14.64 -13.27 -13.75
C LYS A 63 16.11 -12.89 -13.50
N LEU A 71 18.96 -9.64 -5.59
CA LEU A 71 17.51 -9.60 -5.83
C LEU A 71 16.76 -10.89 -5.42
N LYS A 72 17.46 -12.06 -5.41
CA LYS A 72 16.87 -13.35 -5.03
C LYS A 72 16.56 -13.45 -3.54
N ASP A 73 17.40 -12.84 -2.69
CA ASP A 73 17.21 -12.82 -1.24
C ASP A 73 16.05 -11.89 -0.84
N GLU A 74 15.87 -10.80 -1.62
CA GLU A 74 14.81 -9.80 -1.44
C GLU A 74 13.42 -10.40 -1.72
N LEU A 75 13.31 -11.28 -2.74
CA LEU A 75 12.04 -11.92 -3.08
C LEU A 75 11.67 -12.89 -1.95
N LEU A 76 12.67 -13.70 -1.49
CA LEU A 76 12.49 -14.64 -0.39
C LEU A 76 12.09 -13.93 0.91
N ALA A 77 12.63 -12.73 1.17
CA ALA A 77 12.27 -11.96 2.36
C ALA A 77 10.85 -11.37 2.22
N GLU A 78 10.42 -10.97 0.99
CA GLU A 78 9.06 -10.46 0.76
C GLU A 78 8.08 -11.61 1.02
N ALA A 79 8.42 -12.85 0.57
CA ALA A 79 7.64 -14.06 0.78
C ALA A 79 7.55 -14.38 2.28
N ASN A 80 8.70 -14.26 2.97
CA ASN A 80 8.83 -14.48 4.40
C ASN A 80 7.86 -13.55 5.15
N VAL A 81 7.77 -12.27 4.76
CA VAL A 81 6.85 -11.29 5.38
C VAL A 81 5.37 -11.69 5.08
N MET A 82 5.03 -11.91 3.80
CA MET A 82 3.65 -12.21 3.41
C MET A 82 3.06 -13.47 4.04
N GLN A 83 3.88 -14.53 4.23
CA GLN A 83 3.48 -15.80 4.82
C GLN A 83 3.02 -15.61 6.27
N GLN A 84 3.53 -14.59 6.96
CA GLN A 84 3.19 -14.31 8.36
C GLN A 84 1.93 -13.49 8.49
N LEU A 85 1.46 -12.91 7.37
CA LEU A 85 0.32 -12.01 7.42
C LEU A 85 -0.97 -12.67 7.04
N ASP A 86 -2.01 -12.39 7.83
CA ASP A 86 -3.34 -12.95 7.62
C ASP A 86 -4.43 -11.92 7.96
N ASN A 87 -4.91 -11.22 6.93
CA ASN A 87 -5.93 -10.19 7.10
C ASN A 87 -6.74 -10.06 5.81
N PRO A 88 -8.05 -9.76 5.87
CA PRO A 88 -8.83 -9.66 4.60
C PRO A 88 -8.38 -8.51 3.68
N TYR A 89 -7.65 -7.50 4.20
CA TYR A 89 -7.21 -6.31 3.45
C TYR A 89 -5.74 -6.34 3.05
N ILE A 90 -5.14 -7.53 2.98
CA ILE A 90 -3.75 -7.66 2.57
C ILE A 90 -3.71 -8.82 1.55
N VAL A 91 -3.01 -8.64 0.43
CA VAL A 91 -2.86 -9.67 -0.62
C VAL A 91 -2.28 -10.98 -0.02
N ARG A 92 -2.94 -12.11 -0.32
CA ARG A 92 -2.53 -13.42 0.14
C ARG A 92 -1.52 -14.06 -0.79
N MET A 93 -0.39 -14.45 -0.26
CA MET A 93 0.63 -15.21 -0.97
C MET A 93 0.18 -16.71 -1.03
N ILE A 94 0.26 -17.34 -2.23
CA ILE A 94 -0.05 -18.77 -2.43
C ILE A 94 1.25 -19.56 -2.12
N GLY A 95 2.37 -19.05 -2.60
CA GLY A 95 3.69 -19.60 -2.36
C GLY A 95 4.76 -19.08 -3.29
N ILE A 96 5.90 -19.78 -3.34
CA ILE A 96 7.07 -19.46 -4.16
C ILE A 96 7.41 -20.58 -5.13
N CYS A 97 8.02 -20.22 -6.27
CA CYS A 97 8.42 -21.17 -7.32
C CYS A 97 9.86 -20.90 -7.80
N GLU A 98 10.69 -21.95 -7.81
CA GLU A 98 12.07 -21.89 -8.28
C GLU A 98 12.16 -22.76 -9.56
N ALA A 99 12.16 -22.08 -10.73
CA ALA A 99 12.23 -22.70 -12.06
C ALA A 99 13.03 -21.76 -12.98
N GLU A 100 12.52 -21.33 -14.17
CA GLU A 100 13.26 -20.40 -15.05
C GLU A 100 13.80 -19.20 -14.25
N SER A 101 12.93 -18.64 -13.38
CA SER A 101 13.20 -17.50 -12.50
C SER A 101 12.55 -17.74 -11.13
N TRP A 102 12.90 -16.89 -10.14
CA TRP A 102 12.27 -16.95 -8.81
C TRP A 102 10.89 -16.30 -8.93
N MET A 103 9.85 -17.01 -8.52
CA MET A 103 8.48 -16.51 -8.67
C MET A 103 7.76 -16.46 -7.33
N LEU A 104 7.03 -15.37 -7.10
CA LEU A 104 6.21 -15.18 -5.91
C LEU A 104 4.76 -15.22 -6.42
N VAL A 105 4.00 -16.21 -5.98
CA VAL A 105 2.64 -16.44 -6.49
C VAL A 105 1.62 -15.93 -5.49
N MET A 106 0.75 -15.04 -5.92
CA MET A 106 -0.23 -14.46 -5.02
C MET A 106 -1.61 -14.65 -5.58
N GLU A 107 -2.65 -14.57 -4.74
CA GLU A 107 -4.07 -14.60 -5.16
C GLU A 107 -4.33 -13.36 -5.97
N MET A 108 -5.02 -13.52 -7.12
CA MET A 108 -5.28 -12.46 -8.06
C MET A 108 -6.37 -11.49 -7.60
N ALA A 109 -6.05 -10.22 -7.58
CA ALA A 109 -6.97 -9.09 -7.34
C ALA A 109 -7.16 -8.58 -8.80
N GLU A 110 -8.29 -8.89 -9.40
CA GLU A 110 -8.57 -8.68 -10.83
C GLU A 110 -8.61 -7.23 -11.32
N LEU A 111 -9.12 -6.31 -10.50
CA LEU A 111 -9.30 -4.94 -10.94
C LEU A 111 -8.00 -4.11 -10.97
N GLY A 112 -6.90 -4.64 -10.45
CA GLY A 112 -5.63 -3.91 -10.48
C GLY A 112 -5.40 -2.78 -9.49
N PRO A 113 -4.28 -2.02 -9.71
CA PRO A 113 -3.94 -0.91 -8.80
C PRO A 113 -5.01 0.17 -8.72
N LEU A 114 -5.26 0.64 -7.48
CA LEU A 114 -6.21 1.67 -7.14
C LEU A 114 -5.95 3.01 -7.89
N ASN A 115 -4.67 3.40 -8.05
CA ASN A 115 -4.40 4.68 -8.75
C ASN A 115 -4.85 4.60 -10.21
N LYS A 116 -4.50 3.49 -10.91
CA LYS A 116 -4.91 3.32 -12.32
C LYS A 116 -6.40 3.14 -12.43
N TYR A 117 -7.02 2.48 -11.43
CA TYR A 117 -8.48 2.30 -11.47
C TYR A 117 -9.23 3.63 -11.44
N LEU A 118 -8.82 4.52 -10.52
CA LEU A 118 -9.46 5.81 -10.33
C LEU A 118 -9.16 6.75 -11.49
N GLN A 119 -7.99 6.62 -12.16
CA GLN A 119 -7.61 7.44 -13.32
C GLN A 119 -8.58 7.12 -14.48
N GLN A 120 -8.93 5.82 -14.62
CA GLN A 120 -9.79 5.28 -15.69
C GLN A 120 -11.28 5.27 -15.35
N ASN A 121 -11.66 5.55 -14.10
CA ASN A 121 -13.05 5.54 -13.64
C ASN A 121 -13.34 6.76 -12.76
N ARG A 122 -13.36 7.93 -13.40
CA ARG A 122 -13.56 9.22 -12.69
C ARG A 122 -14.99 9.42 -12.15
N HIS A 123 -15.88 8.46 -12.40
CA HIS A 123 -17.27 8.51 -11.92
C HIS A 123 -17.48 7.80 -10.58
N VAL A 124 -16.38 7.29 -9.93
CA VAL A 124 -16.46 6.63 -8.63
C VAL A 124 -16.91 7.63 -7.56
N LYS A 125 -17.99 7.30 -6.80
CA LYS A 125 -18.54 8.23 -5.80
C LYS A 125 -17.59 8.44 -4.59
N ASP A 126 -17.78 9.55 -3.85
CA ASP A 126 -16.99 9.88 -2.66
C ASP A 126 -17.15 8.80 -1.56
N LYS A 127 -18.40 8.30 -1.35
CA LYS A 127 -18.67 7.26 -0.34
C LYS A 127 -17.83 6.01 -0.62
N ASN A 128 -17.65 5.68 -1.92
CA ASN A 128 -16.88 4.55 -2.40
C ASN A 128 -15.38 4.74 -2.17
N ILE A 129 -14.81 5.93 -2.44
CA ILE A 129 -13.39 6.19 -2.15
C ILE A 129 -13.17 6.09 -0.63
N ILE A 130 -14.07 6.69 0.18
CA ILE A 130 -14.00 6.60 1.64
C ILE A 130 -13.98 5.13 2.06
N GLU A 131 -14.96 4.33 1.57
CA GLU A 131 -15.00 2.90 1.85
C GLU A 131 -13.64 2.21 1.56
N LEU A 132 -12.99 2.51 0.42
CA LEU A 132 -11.73 1.85 0.06
C LEU A 132 -10.54 2.32 0.91
N VAL A 133 -10.43 3.63 1.18
CA VAL A 133 -9.29 4.09 2.02
C VAL A 133 -9.51 3.62 3.45
N HIS A 134 -10.78 3.43 3.84
CA HIS A 134 -11.04 2.87 5.17
C HIS A 134 -10.54 1.41 5.23
N GLN A 135 -10.68 0.68 4.12
CA GLN A 135 -10.20 -0.72 4.08
C GLN A 135 -8.70 -0.82 4.15
N VAL A 136 -7.99 0.09 3.49
CA VAL A 136 -6.53 0.17 3.59
C VAL A 136 -6.13 0.43 5.09
N SER A 137 -6.85 1.36 5.80
CA SER A 137 -6.55 1.71 7.21
C SER A 137 -6.73 0.54 8.13
N MET A 138 -7.72 -0.34 7.83
CA MET A 138 -7.94 -1.57 8.58
C MET A 138 -6.78 -2.52 8.35
N GLY A 139 -6.37 -2.70 7.10
CA GLY A 139 -5.19 -3.53 6.80
C GLY A 139 -3.94 -3.01 7.47
N MET A 140 -3.75 -1.65 7.51
CA MET A 140 -2.59 -1.04 8.16
C MET A 140 -2.68 -1.09 9.66
N LYS A 141 -3.88 -1.04 10.23
CA LYS A 141 -4.09 -1.18 11.68
C LYS A 141 -3.62 -2.59 12.13
N TYR A 142 -3.86 -3.60 11.28
CA TYR A 142 -3.42 -4.98 11.55
C TYR A 142 -1.90 -5.04 11.41
N LEU A 143 -1.31 -4.41 10.36
CA LEU A 143 0.16 -4.40 10.21
C LEU A 143 0.85 -3.74 11.42
N GLU A 144 0.24 -2.64 11.92
CA GLU A 144 0.74 -1.92 13.09
C GLU A 144 0.70 -2.83 14.33
N GLU A 145 -0.45 -3.46 14.59
CA GLU A 145 -0.64 -4.38 15.73
C GLU A 145 0.39 -5.51 15.67
N SER A 146 0.68 -6.02 14.45
CA SER A 146 1.62 -7.12 14.22
C SER A 146 3.07 -6.63 14.26
N ASN A 147 3.27 -5.32 14.45
CA ASN A 147 4.59 -4.65 14.50
C ASN A 147 5.41 -4.89 13.22
N PHE A 148 4.73 -4.73 12.07
CA PHE A 148 5.40 -4.75 10.79
C PHE A 148 5.31 -3.35 10.22
N VAL A 149 6.36 -2.86 9.58
CA VAL A 149 6.32 -1.55 8.89
C VAL A 149 6.33 -1.87 7.41
N HIS A 150 5.43 -1.27 6.64
CA HIS A 150 5.26 -1.54 5.20
C HIS A 150 6.37 -0.90 4.34
N ARG A 151 6.55 0.43 4.50
CA ARG A 151 7.58 1.28 3.87
C ARG A 151 7.41 1.49 2.34
N ASP A 152 6.21 1.24 1.80
CA ASP A 152 5.92 1.51 0.41
C ASP A 152 4.43 1.70 0.22
N LEU A 153 3.79 2.35 1.21
CA LEU A 153 2.35 2.51 1.14
C LEU A 153 2.03 3.68 0.18
N ALA A 154 1.51 3.33 -0.96
CA ALA A 154 1.17 4.29 -2.01
C ALA A 154 -0.05 3.77 -2.76
N ALA A 155 -0.81 4.64 -3.47
CA ALA A 155 -2.00 4.13 -4.21
C ALA A 155 -1.68 3.05 -5.27
N ARG A 156 -0.47 3.10 -5.89
CA ARG A 156 -0.02 2.09 -6.89
C ARG A 156 0.18 0.68 -6.28
N ASN A 157 0.26 0.56 -4.94
CA ASN A 157 0.47 -0.70 -4.23
C ASN A 157 -0.78 -1.19 -3.49
N VAL A 158 -1.94 -0.60 -3.79
CA VAL A 158 -3.23 -1.03 -3.26
C VAL A 158 -3.94 -1.60 -4.46
N LEU A 159 -4.39 -2.87 -4.37
CA LEU A 159 -5.03 -3.58 -5.44
C LEU A 159 -6.49 -3.75 -5.19
N LEU A 160 -7.30 -3.66 -6.25
CA LEU A 160 -8.75 -3.81 -6.12
C LEU A 160 -9.20 -5.22 -6.51
N VAL A 161 -9.88 -5.89 -5.57
CA VAL A 161 -10.49 -7.21 -5.74
C VAL A 161 -11.79 -6.98 -6.49
N THR A 162 -12.58 -5.98 -5.99
CA THR A 162 -13.84 -5.47 -6.55
C THR A 162 -13.85 -3.96 -6.38
N GLN A 163 -14.81 -3.26 -7.03
CA GLN A 163 -14.85 -1.80 -6.87
C GLN A 163 -15.02 -1.40 -5.39
N HIS A 164 -15.44 -2.37 -4.52
CA HIS A 164 -15.74 -2.10 -3.11
C HIS A 164 -14.83 -2.88 -2.16
N TYR A 165 -13.68 -3.38 -2.66
CA TYR A 165 -12.81 -4.22 -1.85
C TYR A 165 -11.35 -4.03 -2.22
N ALA A 166 -10.59 -3.38 -1.33
CA ALA A 166 -9.17 -3.11 -1.58
C ALA A 166 -8.24 -4.00 -0.74
N LYS A 167 -7.05 -4.33 -1.27
CA LYS A 167 -6.05 -5.08 -0.55
C LYS A 167 -4.68 -4.40 -0.70
N ILE A 168 -3.88 -4.41 0.33
CA ILE A 168 -2.54 -3.84 0.27
C ILE A 168 -1.59 -4.89 -0.30
N SER A 169 -0.65 -4.49 -1.14
CA SER A 169 0.37 -5.42 -1.62
C SER A 169 1.75 -4.79 -1.55
N ASP A 170 2.75 -5.46 -2.17
CA ASP A 170 4.12 -5.01 -2.34
C ASP A 170 4.86 -4.87 -1.03
N PHE A 171 5.28 -6.00 -0.50
CA PHE A 171 5.97 -6.10 0.79
C PHE A 171 7.50 -6.19 0.65
N GLY A 172 8.02 -5.82 -0.52
CA GLY A 172 9.44 -5.83 -0.82
C GLY A 172 10.31 -5.04 0.14
N LEU A 173 9.79 -3.92 0.68
CA LEU A 173 10.59 -3.10 1.60
C LEU A 173 10.16 -3.29 3.07
N SER A 174 9.19 -4.18 3.34
CA SER A 174 8.64 -4.40 4.67
C SER A 174 9.59 -4.99 5.64
N LYS A 175 9.48 -4.60 6.91
CA LYS A 175 10.32 -5.10 7.99
C LYS A 175 9.49 -5.43 9.21
N ALA A 176 9.87 -6.52 9.90
CA ALA A 176 9.27 -6.98 11.16
C ALA A 176 10.10 -6.22 12.18
N LEU A 177 9.45 -5.42 13.01
CA LEU A 177 10.23 -4.66 14.00
C LEU A 177 10.84 -5.54 15.08
N ARG A 178 12.05 -5.13 15.54
CA ARG A 178 12.77 -5.70 16.68
C ARG A 178 11.86 -5.56 17.88
N ALA A 179 11.81 -6.56 18.73
CA ALA A 179 10.96 -6.61 19.91
C ALA A 179 11.19 -5.49 20.90
N ASP A 180 12.37 -4.89 20.89
CA ASP A 180 12.71 -3.83 21.81
C ASP A 180 12.60 -2.42 21.20
N GLU A 181 12.21 -2.30 19.92
CA GLU A 181 12.16 -1.01 19.23
C GLU A 181 10.88 -0.80 18.45
N ASN A 182 10.41 0.45 18.34
CA ASN A 182 9.19 0.67 17.56
C ASN A 182 9.51 1.30 16.17
N TYR A 183 10.77 1.26 15.76
CA TYR A 183 11.19 1.72 14.44
C TYR A 183 12.29 0.82 13.87
N TYR A 184 12.40 0.83 12.53
CA TYR A 184 13.45 0.14 11.78
C TYR A 184 14.40 1.25 11.31
N LYS A 185 15.71 1.04 11.46
CA LYS A 185 16.76 1.98 11.03
C LYS A 185 17.40 1.42 9.78
N ALA A 186 17.34 2.17 8.68
CA ALA A 186 17.94 1.68 7.44
C ALA A 186 19.40 2.13 7.37
N GLN A 187 20.25 1.38 6.64
CA GLN A 187 21.66 1.71 6.46
C GLN A 187 21.85 2.15 5.00
N THR A 188 22.05 3.47 4.79
CA THR A 188 22.21 4.16 3.49
C THR A 188 20.91 4.22 2.67
N HIS A 189 20.75 5.32 1.88
CA HIS A 189 19.59 5.55 1.03
C HIS A 189 19.57 4.52 -0.12
N GLY A 190 18.46 3.79 -0.24
CA GLY A 190 18.23 2.80 -1.29
C GLY A 190 17.31 3.34 -2.36
N LYS A 191 16.48 2.46 -2.96
CA LYS A 191 15.51 2.84 -3.98
C LYS A 191 14.24 3.31 -3.23
N TRP A 192 14.15 4.63 -2.92
CA TRP A 192 13.07 5.14 -2.07
C TRP A 192 12.03 6.10 -2.73
N PRO A 193 10.73 5.88 -2.40
CA PRO A 193 9.66 6.77 -2.92
C PRO A 193 9.44 7.99 -1.99
N VAL A 194 10.42 8.94 -2.01
CA VAL A 194 10.53 10.18 -1.22
C VAL A 194 9.20 10.96 -1.08
N LYS A 195 8.42 11.07 -2.19
CA LYS A 195 7.13 11.75 -2.17
C LYS A 195 6.12 11.12 -1.20
N TRP A 196 6.36 9.87 -0.82
CA TRP A 196 5.46 9.21 0.14
C TRP A 196 6.07 9.11 1.52
N TYR A 197 7.33 9.53 1.70
CA TYR A 197 8.05 9.32 2.96
C TYR A 197 7.98 10.46 3.96
N ALA A 198 7.87 10.10 5.24
CA ALA A 198 7.81 11.07 6.31
C ALA A 198 9.17 11.77 6.48
N PRO A 199 9.24 12.96 7.10
CA PRO A 199 10.55 13.61 7.26
C PRO A 199 11.58 12.82 8.09
N GLU A 200 11.15 12.05 9.12
CA GLU A 200 12.08 11.23 9.93
C GLU A 200 12.71 10.10 9.07
N CYS A 201 12.01 9.61 8.03
CA CYS A 201 12.49 8.61 7.08
C CYS A 201 13.63 9.25 6.27
N ILE A 202 13.38 10.47 5.80
CA ILE A 202 14.33 11.22 4.97
C ILE A 202 15.55 11.64 5.79
N ASN A 203 15.35 12.31 6.93
CA ASN A 203 16.44 12.85 7.75
C ASN A 203 17.16 11.86 8.63
N TYR A 204 16.45 10.83 9.18
CA TYR A 204 17.10 9.91 10.12
C TYR A 204 17.11 8.47 9.68
N TYR A 205 16.44 8.12 8.56
CA TYR A 205 16.32 6.74 8.07
C TYR A 205 15.58 5.88 9.10
N LYS A 206 14.62 6.51 9.79
CA LYS A 206 13.81 5.87 10.83
C LYS A 206 12.39 5.61 10.29
N PHE A 207 11.98 4.34 10.25
CA PHE A 207 10.69 3.88 9.76
C PHE A 207 9.88 3.22 10.85
N SER A 208 8.74 3.82 11.18
CA SER A 208 7.85 3.31 12.23
C SER A 208 6.45 3.18 11.62
N SER A 209 5.46 2.66 12.38
CA SER A 209 4.11 2.61 11.82
C SER A 209 3.61 4.05 11.68
N LYS A 210 4.12 4.99 12.51
CA LYS A 210 3.75 6.40 12.34
C LYS A 210 4.27 6.99 11.01
N SER A 211 5.37 6.46 10.49
CA SER A 211 5.88 6.90 9.18
C SER A 211 4.98 6.31 8.07
N ASP A 212 4.34 5.13 8.33
CA ASP A 212 3.41 4.59 7.36
C ASP A 212 2.13 5.44 7.38
N VAL A 213 1.76 6.03 8.55
CA VAL A 213 0.59 6.91 8.63
C VAL A 213 0.82 8.12 7.67
N TRP A 214 2.04 8.72 7.67
CA TRP A 214 2.34 9.79 6.73
C TRP A 214 2.07 9.35 5.27
N SER A 215 2.56 8.15 4.87
CA SER A 215 2.34 7.65 3.50
C SER A 215 0.87 7.43 3.27
N PHE A 216 0.12 6.96 4.30
CA PHE A 216 -1.35 6.78 4.20
C PHE A 216 -2.05 8.14 3.88
N GLY A 217 -1.56 9.23 4.46
CA GLY A 217 -2.04 10.57 4.11
C GLY A 217 -1.81 10.88 2.64
N VAL A 218 -0.61 10.60 2.12
CA VAL A 218 -0.35 10.83 0.66
C VAL A 218 -1.26 9.93 -0.19
N LEU A 219 -1.37 8.63 0.18
CA LEU A 219 -2.23 7.67 -0.52
C LEU A 219 -3.66 8.22 -0.57
N MET A 220 -4.18 8.73 0.56
CA MET A 220 -5.55 9.31 0.61
C MET A 220 -5.71 10.49 -0.35
N TRP A 221 -4.68 11.34 -0.44
CA TRP A 221 -4.67 12.49 -1.33
C TRP A 221 -4.77 11.95 -2.77
N GLU A 222 -3.95 10.94 -3.11
CA GLU A 222 -3.97 10.31 -4.46
C GLU A 222 -5.36 9.78 -4.79
N ALA A 223 -6.04 9.21 -3.78
CA ALA A 223 -7.35 8.57 -3.95
C ALA A 223 -8.43 9.58 -4.23
N PHE A 224 -8.44 10.66 -3.46
CA PHE A 224 -9.41 11.71 -3.74
C PHE A 224 -9.01 12.58 -4.93
N SER A 225 -7.77 12.40 -5.48
CA SER A 225 -7.36 13.18 -6.68
C SER A 225 -7.47 12.32 -7.93
N TYR A 226 -8.23 11.21 -7.82
CA TYR A 226 -8.45 10.19 -8.83
C TYR A 226 -7.14 9.69 -9.49
N GLY A 227 -6.21 9.30 -8.63
CA GLY A 227 -4.96 8.69 -9.07
C GLY A 227 -3.91 9.62 -9.62
N GLN A 228 -4.06 10.95 -9.44
CA GLN A 228 -3.04 11.90 -9.88
C GLN A 228 -1.77 11.68 -9.04
N LYS A 229 -0.59 11.92 -9.61
CA LYS A 229 0.65 11.77 -8.85
C LYS A 229 0.80 12.92 -7.81
N PRO A 230 1.30 12.64 -6.58
CA PRO A 230 1.47 13.75 -5.61
C PRO A 230 2.63 14.63 -6.01
N TYR A 231 2.65 15.91 -5.55
CA TYR A 231 3.71 16.90 -5.76
C TYR A 231 4.14 16.96 -7.21
N ARG A 232 3.16 17.05 -8.13
CA ARG A 232 3.39 17.07 -9.57
C ARG A 232 4.41 18.13 -9.98
N GLY A 233 5.38 17.72 -10.80
CA GLY A 233 6.39 18.59 -11.41
C GLY A 233 7.52 18.96 -10.49
N MET A 234 7.54 18.40 -9.28
CA MET A 234 8.52 18.72 -8.25
C MET A 234 9.55 17.62 -8.02
N LYS A 235 10.81 18.01 -7.76
CA LYS A 235 11.91 17.08 -7.43
C LYS A 235 11.78 16.73 -5.95
N GLY A 236 12.27 15.57 -5.56
CA GLY A 236 12.29 15.12 -4.17
C GLY A 236 12.85 16.16 -3.20
N SER A 237 13.90 16.87 -3.59
CA SER A 237 14.53 17.89 -2.75
C SER A 237 13.62 19.12 -2.54
N GLU A 238 12.80 19.44 -3.55
CA GLU A 238 11.85 20.54 -3.51
C GLU A 238 10.65 20.13 -2.65
N VAL A 239 10.35 18.83 -2.63
CA VAL A 239 9.26 18.33 -1.80
C VAL A 239 9.73 18.46 -0.34
N THR A 240 10.96 17.96 -0.03
CA THR A 240 11.56 18.09 1.31
C THR A 240 11.49 19.53 1.79
N ALA A 241 12.01 20.47 1.01
CA ALA A 241 12.02 21.89 1.37
C ALA A 241 10.62 22.48 1.61
N MET A 242 9.63 22.13 0.76
CA MET A 242 8.24 22.61 0.88
C MET A 242 7.66 22.13 2.22
N LEU A 243 7.88 20.83 2.57
CA LEU A 243 7.41 20.27 3.81
C LEU A 243 8.06 20.90 5.06
N GLU A 244 9.37 21.23 5.00
CA GLU A 244 10.11 21.87 6.10
C GLU A 244 9.61 23.31 6.40
N LYS A 245 9.02 24.01 5.40
CA LYS A 245 8.42 25.35 5.54
C LYS A 245 6.99 25.26 6.11
N GLY A 246 6.51 24.04 6.36
CA GLY A 246 5.16 23.81 6.87
C GLY A 246 4.07 23.85 5.83
N GLU A 247 4.45 23.73 4.54
CA GLU A 247 3.49 23.69 3.44
C GLU A 247 3.12 22.25 3.11
N ARG A 248 1.87 22.05 2.64
CA ARG A 248 1.29 20.74 2.30
C ARG A 248 0.47 20.87 1.01
N MET A 249 0.27 19.77 0.30
CA MET A 249 -0.52 19.76 -0.93
C MET A 249 -1.93 20.25 -0.58
N GLY A 250 -2.54 20.97 -1.51
CA GLY A 250 -3.88 21.51 -1.36
C GLY A 250 -4.97 20.46 -1.33
N CYS A 251 -6.19 20.91 -1.02
CA CYS A 251 -7.37 20.05 -0.97
C CYS A 251 -7.75 19.60 -2.39
N PRO A 252 -7.87 18.29 -2.69
CA PRO A 252 -8.29 17.89 -4.05
C PRO A 252 -9.70 18.39 -4.40
N ALA A 253 -9.98 18.61 -5.69
CA ALA A 253 -11.31 19.05 -6.12
C ALA A 253 -12.40 18.09 -5.66
N GLY A 254 -13.36 18.62 -4.92
CA GLY A 254 -14.52 17.86 -4.44
C GLY A 254 -14.28 16.90 -3.31
N CYS A 255 -13.06 16.88 -2.74
CA CYS A 255 -12.73 16.01 -1.61
C CYS A 255 -13.47 16.50 -0.35
N PRO A 256 -14.14 15.63 0.43
CA PRO A 256 -14.82 16.11 1.65
C PRO A 256 -13.84 16.80 2.61
N ARG A 257 -14.27 17.91 3.26
CA ARG A 257 -13.40 18.64 4.20
C ARG A 257 -12.83 17.74 5.31
N GLU A 258 -13.66 16.84 5.86
CA GLU A 258 -13.25 15.92 6.95
C GLU A 258 -12.13 15.02 6.51
N MET A 259 -12.12 14.65 5.24
CA MET A 259 -11.08 13.79 4.69
C MET A 259 -9.80 14.55 4.50
N TYR A 260 -9.91 15.83 4.11
CA TYR A 260 -8.73 16.66 3.96
C TYR A 260 -8.11 16.99 5.30
N ASP A 261 -8.95 17.21 6.33
CA ASP A 261 -8.49 17.40 7.71
C ASP A 261 -7.73 16.17 8.18
N LEU A 262 -8.21 14.97 7.82
CA LEU A 262 -7.52 13.72 8.17
C LEU A 262 -6.14 13.61 7.51
N MET A 263 -6.01 13.93 6.20
CA MET A 263 -4.70 13.94 5.51
C MET A 263 -3.73 14.84 6.24
N ASN A 264 -4.18 16.06 6.64
CA ASN A 264 -3.33 17.02 7.30
C ASN A 264 -2.85 16.51 8.62
N LEU A 265 -3.71 15.80 9.37
CA LEU A 265 -3.36 15.15 10.62
C LEU A 265 -2.37 14.01 10.37
N CYS A 266 -2.48 13.29 9.23
CA CYS A 266 -1.48 12.28 8.85
C CYS A 266 -0.15 12.97 8.52
N TRP A 267 -0.20 14.24 8.03
CA TRP A 267 1.03 14.96 7.71
C TRP A 267 1.57 15.81 8.87
N THR A 268 1.36 15.38 10.13
CA THR A 268 1.94 16.07 11.31
C THR A 268 3.46 15.79 11.26
N TYR A 269 4.25 16.86 11.23
CA TYR A 269 5.70 16.74 11.14
C TYR A 269 6.29 15.96 12.32
N ASP A 270 5.78 16.22 13.55
CA ASP A 270 6.25 15.57 14.79
C ASP A 270 5.69 14.18 14.90
N VAL A 271 6.58 13.16 14.83
CA VAL A 271 6.20 11.73 14.93
C VAL A 271 5.33 11.49 16.17
N GLU A 272 5.74 12.03 17.32
CA GLU A 272 5.02 11.87 18.59
C GLU A 272 3.56 12.33 18.54
N ASN A 273 3.31 13.48 17.90
CA ASN A 273 1.96 14.05 17.77
C ASN A 273 1.11 13.50 16.61
N ARG A 274 1.74 12.82 15.65
CA ARG A 274 1.04 12.23 14.51
C ARG A 274 0.20 11.05 15.02
N PRO A 275 -1.08 10.87 14.61
CA PRO A 275 -1.86 9.70 15.12
C PRO A 275 -1.32 8.35 14.63
N GLY A 276 -1.68 7.29 15.32
CA GLY A 276 -1.38 5.91 14.92
C GLY A 276 -2.50 5.39 14.03
N PHE A 277 -2.35 4.18 13.49
CA PHE A 277 -3.37 3.59 12.64
C PHE A 277 -4.66 3.26 13.39
N ALA A 278 -4.59 2.94 14.70
CA ALA A 278 -5.79 2.66 15.49
C ALA A 278 -6.70 3.93 15.49
N ALA A 279 -6.09 5.12 15.66
CA ALA A 279 -6.80 6.40 15.68
C ALA A 279 -7.30 6.81 14.30
N VAL A 280 -6.46 6.67 13.24
CA VAL A 280 -6.80 6.97 11.85
C VAL A 280 -8.00 6.08 11.40
N GLU A 281 -7.94 4.75 11.69
CA GLU A 281 -8.99 3.81 11.34
C GLU A 281 -10.32 4.20 12.00
N LEU A 282 -10.28 4.64 13.28
CA LEU A 282 -11.48 5.03 14.03
C LEU A 282 -12.19 6.22 13.41
N ARG A 283 -11.42 7.25 13.02
CA ARG A 283 -11.95 8.44 12.37
C ARG A 283 -12.61 8.05 11.06
N LEU A 284 -11.95 7.20 10.26
CA LEU A 284 -12.47 6.73 8.98
C LEU A 284 -13.71 5.91 9.13
N ARG A 285 -13.74 5.06 10.17
CA ARG A 285 -14.87 4.21 10.47
C ARG A 285 -16.13 5.03 10.76
N ASN A 286 -16.04 5.95 11.74
CA ASN A 286 -17.14 6.82 12.15
C ASN A 286 -17.62 7.75 11.06
N TYR A 287 -16.69 8.37 10.29
CA TYR A 287 -17.06 9.25 9.19
C TYR A 287 -17.76 8.47 8.09
N TYR A 288 -17.24 7.26 7.73
CA TYR A 288 -17.85 6.40 6.72
C TYR A 288 -19.28 5.98 7.11
N TYR A 289 -19.52 5.65 8.39
CA TYR A 289 -20.85 5.29 8.89
C TYR A 289 -21.84 6.47 8.78
N ASP A 290 -21.34 7.73 8.87
CA ASP A 290 -22.18 8.93 8.74
C ASP A 290 -22.58 9.15 7.30
N VAL A 291 -21.60 8.99 6.36
CA VAL A 291 -21.78 9.17 4.92
C VAL A 291 -22.80 8.14 4.40
N VAL A 292 -22.68 6.87 4.83
CA VAL A 292 -23.59 5.78 4.48
C VAL A 292 -25.02 6.14 4.93
N ASN A 293 -25.15 6.62 6.19
CA ASN A 293 -26.41 7.06 6.80
C ASN A 293 -27.01 8.19 5.95
N HIS A 294 -26.29 9.33 5.83
CA HIS A 294 -26.67 10.52 5.07
C HIS A 294 -27.12 10.21 3.63
N HIS A 295 -26.47 9.23 2.97
CA HIS A 295 -26.79 8.81 1.61
C HIS A 295 -28.28 8.49 1.45
N HIS A 296 -28.77 7.46 2.18
CA HIS A 296 -30.19 7.08 2.15
C HIS A 296 -30.95 7.68 3.33
C1 QDZ B . -0.92 -4.15 -12.82
C2 QDZ B . -1.15 -5.06 -11.84
C3 QDZ B . -2.49 -5.56 -12.04
N6 QDZ B . 2.86 -3.73 -7.70
C7 QDZ B . -4.53 -6.84 -11.94
C8 QDZ B . -3.25 -6.57 -11.44
C9 QDZ B . -2.79 -7.26 -10.21
C10 QDZ B . -2.77 -8.55 -8.42
C11 QDZ B . -1.53 -7.96 -8.61
C12 QDZ B . -0.55 -8.25 -7.55
C13 QDZ B . -0.86 -9.18 -6.56
C14 QDZ B . -2.16 -9.70 -6.54
C15 QDZ B . 1.16 -6.59 -8.31
C16 QDZ B . 2.37 -6.14 -7.81
C19 QDZ B . 1.46 -3.33 -7.93
C20 QDZ B . 3.74 -2.67 -8.17
C18 QDZ B . 3.19 -5.02 -8.39
C17 QDZ B . 2.53 -6.88 -6.62
N5 QDZ B . 1.50 -7.70 -6.38
N4 QDZ B . 0.68 -7.51 -7.45
N3 QDZ B . -3.12 -9.39 -7.44
N1 QDZ B . -3.57 -8.09 -9.45
N2 QDZ B . -1.56 -7.14 -9.74
C6 QDZ B . -5.02 -6.16 -13.05
C5 QDZ B . -4.27 -5.17 -13.68
C4 QDZ B . -3.01 -4.87 -13.16
N QDZ B . -2.02 -4.04 -13.65
C QDZ B . -2.13 -3.11 -14.77
#